data_7ZPG
#
_entry.id   7ZPG
#
_cell.length_a   91.884
_cell.length_b   127.43
_cell.length_c   60.461
_cell.angle_alpha   90
_cell.angle_beta   90
_cell.angle_gamma   90
#
_symmetry.space_group_name_H-M   'C 2 2 21'
#
loop_
_entity.id
_entity.type
_entity.pdbx_description
1 polymer 'Monoglyceride lipase'
2 non-polymer [(7R,9aR)-7-(4-chlorophenyl)-1,3,4,6,7,8,9,9a-octahydropyrido[1,2-a]pyrazin-2-yl]-(2-bromanyl-3-methoxy-phenyl)methanone
3 water water
#
_entity_poly.entity_id   1
_entity_poly.type   'polypeptide(L)'
_entity_poly.pdbx_seq_one_letter_code
;MGSSHHHHHHSSGENLYFQGMPEESSPRRTPQSIPYQDLPHLVNADGQYLFCRYWAPTGTPKALIFVSHGAGEHSGRYEE
LARMLMGLDLLVFAHDHVGHGQSEGERMVVSDFHVFVRDVLQHVDSMQKDYPGLPVFLLGHSMGGAIAILTAAERPGHFA
GMVLISPLVLANPESATTFKVLAAKVLNSVLPNLSSGPIDSSVLSRNKTEVDIYNSDPLICRAGLKVCFGIQLLNAVSRV
ERALPKLTVPFLLLQGSADRLCDSKGAYLLMELAKSQDKTLKIYEGAYHVLHKELPEVTNSVFHEINMWVSQRTATAGTA
SPP
;
_entity_poly.pdbx_strand_id   A
#
# COMPACT_ATOMS: atom_id res chain seq x y z
N PRO A 27 -3.27 -18.12 -24.47
CA PRO A 27 -3.23 -16.83 -23.77
C PRO A 27 -3.39 -16.90 -22.26
N ARG A 28 -2.40 -16.36 -21.53
CA ARG A 28 -2.46 -16.28 -20.07
C ARG A 28 -3.61 -15.32 -19.69
N ARG A 29 -4.39 -15.68 -18.69
CA ARG A 29 -5.54 -14.90 -18.27
C ARG A 29 -5.48 -14.51 -16.81
N THR A 30 -6.17 -13.43 -16.45
CA THR A 30 -6.28 -13.01 -15.06
C THR A 30 -7.11 -14.06 -14.30
N PRO A 31 -7.12 -13.99 -12.96
CA PRO A 31 -7.97 -14.94 -12.21
C PRO A 31 -9.45 -14.81 -12.54
N GLN A 32 -9.88 -13.68 -13.12
CA GLN A 32 -11.25 -13.46 -13.54
C GLN A 32 -11.54 -13.88 -15.01
N SER A 33 -10.52 -14.50 -15.66
CA SER A 33 -10.60 -15.05 -17.02
CA SER A 33 -10.49 -15.08 -17.01
C SER A 33 -10.28 -14.10 -18.15
N ILE A 34 -9.82 -12.88 -17.86
CA ILE A 34 -9.57 -11.92 -18.93
C ILE A 34 -8.16 -12.10 -19.46
N PRO A 35 -7.96 -12.23 -20.79
CA PRO A 35 -6.60 -12.38 -21.30
C PRO A 35 -5.73 -11.17 -20.94
N TYR A 36 -4.51 -11.42 -20.44
CA TYR A 36 -3.58 -10.32 -20.15
C TYR A 36 -3.26 -9.50 -21.40
N GLN A 37 -3.34 -10.11 -22.60
CA GLN A 37 -3.06 -9.34 -23.82
C GLN A 37 -4.07 -8.22 -24.04
N ASP A 38 -5.22 -8.24 -23.36
CA ASP A 38 -6.20 -7.17 -23.46
C ASP A 38 -5.92 -6.01 -22.49
N LEU A 39 -4.97 -6.19 -21.55
CA LEU A 39 -4.79 -5.28 -20.42
C LEU A 39 -3.37 -4.80 -20.29
N PRO A 40 -3.13 -3.70 -19.56
CA PRO A 40 -1.74 -3.33 -19.27
C PRO A 40 -1.19 -4.36 -18.28
N HIS A 41 0.05 -4.82 -18.49
CA HIS A 41 0.61 -5.83 -17.60
C HIS A 41 2.12 -5.77 -17.61
N LEU A 42 2.71 -6.53 -16.70
CA LEU A 42 4.14 -6.78 -16.67
C LEU A 42 4.35 -8.21 -16.19
N VAL A 43 5.53 -8.78 -16.43
CA VAL A 43 5.84 -10.12 -15.95
C VAL A 43 6.94 -9.98 -14.93
N ASN A 44 6.72 -10.45 -13.69
CA ASN A 44 7.71 -10.25 -12.65
C ASN A 44 8.87 -11.27 -12.73
N ALA A 45 9.81 -11.20 -11.80
CA ALA A 45 10.99 -12.07 -11.83
C ALA A 45 10.66 -13.54 -11.66
N ASP A 46 9.51 -13.87 -11.10
CA ASP A 46 9.05 -15.24 -10.94
C ASP A 46 8.20 -15.71 -12.13
N GLY A 47 8.10 -14.92 -13.20
CA GLY A 47 7.30 -15.29 -14.37
C GLY A 47 5.81 -15.12 -14.18
N GLN A 48 5.40 -14.35 -13.16
CA GLN A 48 4.00 -14.10 -12.89
C GLN A 48 3.56 -12.81 -13.54
N TYR A 49 2.37 -12.82 -14.14
CA TYR A 49 1.82 -11.61 -14.75
C TYR A 49 1.19 -10.76 -13.66
N LEU A 50 1.54 -9.48 -13.63
CA LEU A 50 0.93 -8.49 -12.76
C LEU A 50 0.11 -7.54 -13.62
N PHE A 51 -1.14 -7.32 -13.22
CA PHE A 51 -1.99 -6.35 -13.87
C PHE A 51 -1.51 -4.93 -13.49
N CYS A 52 -1.43 -4.04 -14.48
CA CYS A 52 -0.96 -2.68 -14.30
C CYS A 52 -2.03 -1.65 -14.60
N ARG A 53 -1.87 -0.46 -13.99
CA ARG A 53 -2.81 0.63 -14.20
C ARG A 53 -2.00 1.92 -14.28
N TYR A 54 -2.39 2.81 -15.19
CA TYR A 54 -1.67 4.06 -15.42
C TYR A 54 -2.65 5.21 -15.54
N TRP A 55 -2.23 6.39 -15.10
CA TRP A 55 -2.99 7.61 -15.29
C TRP A 55 -1.99 8.66 -15.68
N ALA A 56 -1.93 8.98 -16.97
CA ALA A 56 -0.92 9.88 -17.49
C ALA A 56 -1.54 11.19 -17.93
N PRO A 57 -0.85 12.32 -17.66
CA PRO A 57 -1.34 13.61 -18.15
C PRO A 57 -1.15 13.74 -19.65
N THR A 58 -1.74 14.80 -20.24
CA THR A 58 -1.64 14.99 -21.69
C THR A 58 -0.25 15.42 -22.15
N GLY A 59 0.45 16.18 -21.31
CA GLY A 59 1.79 16.66 -21.66
C GLY A 59 2.89 15.98 -20.90
N THR A 60 4.07 16.61 -20.85
CA THR A 60 5.25 16.09 -20.16
C THR A 60 4.96 16.04 -18.67
N PRO A 61 5.09 14.88 -18.04
CA PRO A 61 4.84 14.82 -16.60
C PRO A 61 5.90 15.55 -15.79
N LYS A 62 5.51 16.11 -14.66
CA LYS A 62 6.44 16.76 -13.73
C LYS A 62 7.22 15.72 -12.90
N ALA A 63 6.58 14.58 -12.64
CA ALA A 63 7.16 13.54 -11.79
C ALA A 63 6.35 12.26 -12.01
N LEU A 64 6.86 11.15 -11.49
CA LEU A 64 6.19 9.86 -11.51
C LEU A 64 5.76 9.55 -10.09
N ILE A 65 4.66 8.80 -9.93
CA ILE A 65 4.27 8.33 -8.60
C ILE A 65 3.68 6.95 -8.67
N PHE A 66 4.26 6.01 -7.92
CA PHE A 66 3.76 4.65 -7.83
C PHE A 66 2.78 4.54 -6.69
N VAL A 67 1.62 3.91 -6.90
CA VAL A 67 0.62 3.67 -5.89
C VAL A 67 0.67 2.22 -5.50
N SER A 68 0.88 1.98 -4.20
CA SER A 68 1.07 0.70 -3.57
C SER A 68 -0.11 0.35 -2.67
N HIS A 69 -0.97 -0.57 -3.12
CA HIS A 69 -2.18 -0.90 -2.41
C HIS A 69 -1.93 -1.84 -1.24
N GLY A 70 -2.96 -2.01 -0.43
CA GLY A 70 -2.88 -2.85 0.74
C GLY A 70 -3.32 -4.29 0.60
N ALA A 71 -3.25 -5.05 1.70
CA ALA A 71 -3.61 -6.46 1.69
C ALA A 71 -5.06 -6.62 1.33
N GLY A 72 -5.33 -7.62 0.51
CA GLY A 72 -6.69 -7.94 0.11
C GLY A 72 -7.32 -7.03 -0.91
N GLU A 73 -6.73 -5.87 -1.21
CA GLU A 73 -7.38 -4.96 -2.17
C GLU A 73 -6.59 -4.96 -3.51
N HIS A 74 -6.68 -3.87 -4.28
CA HIS A 74 -6.13 -3.84 -5.61
C HIS A 74 -6.03 -2.39 -6.04
N SER A 75 -5.38 -2.18 -7.18
CA SER A 75 -5.09 -0.84 -7.67
C SER A 75 -6.29 -0.01 -8.09
N GLY A 76 -7.37 -0.67 -8.48
CA GLY A 76 -8.56 0.06 -8.94
C GLY A 76 -9.20 0.89 -7.86
N ARG A 77 -8.92 0.57 -6.60
CA ARG A 77 -9.47 1.30 -5.46
C ARG A 77 -8.90 2.74 -5.38
N TYR A 78 -7.85 3.05 -6.15
CA TYR A 78 -7.17 4.34 -6.10
C TYR A 78 -7.54 5.25 -7.25
N GLU A 79 -8.60 4.93 -7.99
CA GLU A 79 -9.02 5.72 -9.14
C GLU A 79 -9.11 7.21 -8.88
N GLU A 80 -9.83 7.61 -7.83
CA GLU A 80 -10.03 9.03 -7.58
C GLU A 80 -8.76 9.73 -7.13
N LEU A 81 -7.98 9.11 -6.25
CA LEU A 81 -6.71 9.68 -5.81
CA LEU A 81 -6.73 9.70 -5.81
C LEU A 81 -5.76 9.83 -6.98
N ALA A 82 -5.71 8.80 -7.85
CA ALA A 82 -4.82 8.82 -9.00
C ALA A 82 -5.21 9.90 -9.98
N ARG A 83 -6.51 10.08 -10.22
CA ARG A 83 -6.96 11.13 -11.13
C ARG A 83 -6.58 12.51 -10.57
N MET A 84 -6.64 12.68 -9.23
CA MET A 84 -6.23 13.95 -8.63
CA MET A 84 -6.24 13.95 -8.65
C MET A 84 -4.74 14.18 -8.86
N LEU A 85 -3.93 13.15 -8.66
CA LEU A 85 -2.49 13.28 -8.84
C LEU A 85 -2.12 13.52 -10.28
N MET A 86 -2.80 12.85 -11.22
CA MET A 86 -2.57 13.08 -12.64
CA MET A 86 -2.60 13.07 -12.65
C MET A 86 -2.94 14.54 -13.00
N GLY A 87 -3.96 15.10 -12.33
CA GLY A 87 -4.38 16.48 -12.50
C GLY A 87 -3.31 17.48 -12.07
N LEU A 88 -2.36 17.05 -11.24
CA LEU A 88 -1.19 17.84 -10.84
C LEU A 88 0.01 17.65 -11.82
N ASP A 89 -0.22 16.97 -12.94
CA ASP A 89 0.76 16.66 -13.97
C ASP A 89 1.74 15.60 -13.58
N LEU A 90 1.37 14.71 -12.64
CA LEU A 90 2.21 13.53 -12.37
C LEU A 90 1.70 12.36 -13.21
N LEU A 91 2.61 11.47 -13.59
CA LEU A 91 2.22 10.24 -14.25
C LEU A 91 2.12 9.22 -13.12
N VAL A 92 0.92 8.73 -12.85
CA VAL A 92 0.63 7.80 -11.78
C VAL A 92 0.65 6.40 -12.36
N PHE A 93 1.29 5.48 -11.65
CA PHE A 93 1.35 4.09 -12.10
C PHE A 93 1.18 3.17 -10.93
N ALA A 94 0.71 1.97 -11.20
CA ALA A 94 0.41 1.01 -10.16
C ALA A 94 0.38 -0.38 -10.77
N HIS A 95 0.46 -1.38 -9.92
CA HIS A 95 0.11 -2.73 -10.29
C HIS A 95 -0.59 -3.40 -9.12
N ASP A 96 -1.29 -4.49 -9.41
CA ASP A 96 -1.86 -5.31 -8.36
C ASP A 96 -0.74 -6.20 -7.88
N HIS A 97 -0.48 -6.18 -6.59
CA HIS A 97 0.61 -7.02 -6.03
C HIS A 97 0.30 -8.49 -6.33
N VAL A 98 1.34 -9.31 -6.36
CA VAL A 98 1.12 -10.74 -6.59
CA VAL A 98 1.18 -10.77 -6.51
C VAL A 98 0.07 -11.27 -5.57
N GLY A 99 -0.79 -12.14 -6.07
CA GLY A 99 -1.83 -12.70 -5.22
C GLY A 99 -3.02 -11.79 -4.98
N HIS A 100 -3.08 -10.66 -5.68
CA HIS A 100 -4.14 -9.67 -5.48
C HIS A 100 -4.76 -9.28 -6.80
N GLY A 101 -5.99 -8.81 -6.71
CA GLY A 101 -6.73 -8.20 -7.80
C GLY A 101 -6.72 -9.03 -9.07
N GLN A 102 -6.21 -8.42 -10.13
CA GLN A 102 -6.14 -9.06 -11.44
C GLN A 102 -4.77 -9.66 -11.76
N SER A 103 -3.86 -9.70 -10.78
CA SER A 103 -2.55 -10.30 -10.96
C SER A 103 -2.62 -11.80 -10.67
N GLU A 104 -1.61 -12.52 -11.13
CA GLU A 104 -1.51 -13.94 -10.86
C GLU A 104 -1.01 -14.18 -9.43
N GLY A 105 -1.05 -15.46 -9.07
CA GLY A 105 -0.60 -15.96 -7.78
C GLY A 105 -1.73 -16.45 -6.93
N GLU A 106 -1.43 -17.42 -6.04
CA GLU A 106 -2.44 -17.85 -5.06
C GLU A 106 -2.90 -16.64 -4.21
N ARG A 107 -4.20 -16.53 -3.93
CA ARG A 107 -4.74 -15.34 -3.30
C ARG A 107 -4.16 -15.05 -1.93
N MET A 108 -3.63 -13.84 -1.76
CA MET A 108 -3.16 -13.37 -0.46
C MET A 108 -2.17 -14.31 0.21
N VAL A 109 -1.21 -14.76 -0.55
CA VAL A 109 -0.05 -15.49 -0.04
C VAL A 109 1.16 -14.97 -0.81
N VAL A 110 2.33 -15.11 -0.23
CA VAL A 110 3.55 -14.68 -0.91
C VAL A 110 4.70 -15.47 -0.34
N SER A 111 5.66 -15.85 -1.18
CA SER A 111 6.79 -16.67 -0.71
C SER A 111 7.58 -15.95 0.38
N ASP A 112 7.80 -14.66 0.20
CA ASP A 112 8.45 -13.82 1.20
C ASP A 112 7.96 -12.41 0.91
N PHE A 113 7.76 -11.62 1.95
CA PHE A 113 7.26 -10.25 1.80
C PHE A 113 8.10 -9.42 0.81
N HIS A 114 9.42 -9.69 0.71
CA HIS A 114 10.28 -8.93 -0.20
C HIS A 114 9.89 -9.03 -1.64
N VAL A 115 9.15 -10.08 -2.05
CA VAL A 115 8.66 -10.16 -3.43
C VAL A 115 7.89 -8.87 -3.81
N PHE A 116 7.09 -8.35 -2.86
CA PHE A 116 6.31 -7.15 -3.16
C PHE A 116 7.22 -5.94 -3.45
N VAL A 117 8.31 -5.83 -2.67
CA VAL A 117 9.28 -4.76 -2.82
C VAL A 117 10.03 -4.90 -4.14
N ARG A 118 10.51 -6.11 -4.43
CA ARG A 118 11.20 -6.41 -5.68
C ARG A 118 10.32 -6.03 -6.87
N ASP A 119 9.02 -6.37 -6.81
CA ASP A 119 8.15 -6.11 -7.96
C ASP A 119 7.86 -4.62 -8.11
N VAL A 120 7.76 -3.88 -6.99
CA VAL A 120 7.65 -2.43 -7.09
C VAL A 120 8.89 -1.85 -7.78
N LEU A 121 10.08 -2.29 -7.35
CA LEU A 121 11.32 -1.79 -7.95
C LEU A 121 11.42 -2.10 -9.42
N GLN A 122 10.94 -3.28 -9.85
CA GLN A 122 10.93 -3.59 -11.29
C GLN A 122 10.12 -2.56 -12.05
N HIS A 123 8.90 -2.29 -11.56
CA HIS A 123 8.00 -1.37 -12.24
C HIS A 123 8.55 0.05 -12.22
N VAL A 124 9.11 0.47 -11.07
CA VAL A 124 9.75 1.79 -10.98
C VAL A 124 10.91 1.89 -11.95
N ASP A 125 11.77 0.87 -11.99
CA ASP A 125 12.93 0.92 -12.91
C ASP A 125 12.49 0.99 -14.36
N SER A 126 11.42 0.29 -14.72
CA SER A 126 10.89 0.36 -16.09
C SER A 126 10.37 1.75 -16.41
N MET A 127 9.65 2.38 -15.49
CA MET A 127 9.14 3.72 -15.74
C MET A 127 10.27 4.74 -15.79
N GLN A 128 11.30 4.60 -14.95
CA GLN A 128 12.41 5.55 -14.97
C GLN A 128 13.21 5.49 -16.26
N LYS A 129 13.32 4.29 -16.83
CA LYS A 129 14.01 4.12 -18.10
C LYS A 129 13.24 4.87 -19.21
N ASP A 130 11.89 4.86 -19.15
CA ASP A 130 11.08 5.56 -20.14
C ASP A 130 10.96 7.06 -19.89
N TYR A 131 11.14 7.51 -18.64
CA TYR A 131 11.03 8.92 -18.29
C TYR A 131 12.29 9.33 -17.50
N PRO A 132 13.48 9.28 -18.13
CA PRO A 132 14.71 9.57 -17.39
C PRO A 132 14.74 10.98 -16.79
N GLY A 133 15.30 11.07 -15.60
CA GLY A 133 15.45 12.35 -14.93
C GLY A 133 14.26 12.79 -14.11
N LEU A 134 13.07 12.19 -14.33
CA LEU A 134 11.91 12.62 -13.55
C LEU A 134 11.98 12.10 -12.13
N PRO A 135 11.66 12.96 -11.15
CA PRO A 135 11.58 12.47 -9.76
C PRO A 135 10.48 11.41 -9.62
N VAL A 136 10.68 10.47 -8.70
CA VAL A 136 9.69 9.45 -8.45
CA VAL A 136 9.72 9.40 -8.43
C VAL A 136 9.26 9.44 -6.99
N PHE A 137 7.96 9.46 -6.79
CA PHE A 137 7.34 9.41 -5.49
C PHE A 137 6.69 8.03 -5.29
N LEU A 138 6.42 7.67 -4.03
CA LEU A 138 5.66 6.48 -3.68
C LEU A 138 4.45 6.91 -2.87
N LEU A 139 3.30 6.27 -3.09
CA LEU A 139 2.13 6.46 -2.26
C LEU A 139 1.70 5.07 -1.81
N GLY A 140 1.57 4.83 -0.50
CA GLY A 140 1.21 3.51 -0.03
C GLY A 140 0.21 3.60 1.09
N HIS A 141 -0.70 2.64 1.13
CA HIS A 141 -1.69 2.50 2.19
C HIS A 141 -1.57 1.11 2.81
N SER A 142 -1.60 1.05 4.14
CA SER A 142 -1.72 -0.20 4.84
C SER A 142 -0.48 -1.08 4.56
N MET A 143 -0.62 -2.35 4.19
CA MET A 143 0.54 -3.14 3.81
C MET A 143 1.35 -2.44 2.67
N GLY A 144 0.64 -1.74 1.79
CA GLY A 144 1.28 -1.02 0.70
C GLY A 144 2.19 0.08 1.22
N GLY A 145 1.89 0.64 2.40
CA GLY A 145 2.74 1.62 3.06
C GLY A 145 3.99 0.98 3.63
N ALA A 146 3.87 -0.25 4.17
CA ALA A 146 5.08 -0.99 4.59
C ALA A 146 5.94 -1.29 3.38
N ILE A 147 5.33 -1.66 2.26
CA ILE A 147 6.09 -1.90 1.03
C ILE A 147 6.79 -0.64 0.58
N ALA A 148 6.10 0.52 0.65
CA ALA A 148 6.73 1.77 0.26
C ALA A 148 7.93 2.11 1.15
N ILE A 149 7.77 1.93 2.48
CA ILE A 149 8.88 2.21 3.41
C ILE A 149 10.06 1.31 3.09
N LEU A 150 9.81 0.01 2.87
CA LEU A 150 10.90 -0.92 2.62
C LEU A 150 11.57 -0.63 1.29
N THR A 151 10.81 -0.18 0.29
CA THR A 151 11.33 0.17 -1.04
C THR A 151 12.25 1.39 -0.90
N ALA A 152 11.79 2.42 -0.19
CA ALA A 152 12.60 3.64 0.00
C ALA A 152 13.82 3.39 0.87
N ALA A 153 13.71 2.50 1.86
CA ALA A 153 14.85 2.18 2.72
C ALA A 153 15.88 1.33 1.96
N GLU A 154 15.44 0.50 1.00
CA GLU A 154 16.35 -0.31 0.20
C GLU A 154 17.19 0.59 -0.72
N ARG A 155 16.60 1.70 -1.22
CA ARG A 155 17.30 2.64 -2.09
C ARG A 155 17.30 4.06 -1.53
N PRO A 156 18.08 4.36 -0.46
CA PRO A 156 18.08 5.72 0.08
C PRO A 156 18.53 6.73 -0.97
N GLY A 157 17.83 7.85 -1.04
CA GLY A 157 18.09 8.91 -2.00
C GLY A 157 17.46 8.72 -3.36
N HIS A 158 16.86 7.55 -3.62
CA HIS A 158 16.30 7.27 -4.93
C HIS A 158 14.96 7.95 -5.14
N PHE A 159 14.14 8.02 -4.07
CA PHE A 159 12.80 8.55 -4.20
C PHE A 159 12.73 9.98 -3.72
N ALA A 160 11.87 10.77 -4.37
CA ALA A 160 11.69 12.17 -4.01
C ALA A 160 10.81 12.39 -2.80
N GLY A 161 9.92 11.45 -2.53
CA GLY A 161 9.00 11.58 -1.42
C GLY A 161 8.07 10.42 -1.34
N MET A 162 7.39 10.31 -0.23
CA MET A 162 6.40 9.27 -0.01
CA MET A 162 6.49 9.24 0.06
C MET A 162 5.19 9.79 0.71
N VAL A 163 4.03 9.33 0.28
CA VAL A 163 2.77 9.63 0.91
C VAL A 163 2.29 8.34 1.53
N LEU A 164 2.10 8.31 2.86
CA LEU A 164 1.70 7.13 3.55
C LEU A 164 0.34 7.32 4.18
N ILE A 165 -0.61 6.47 3.85
CA ILE A 165 -1.96 6.52 4.41
C ILE A 165 -2.12 5.31 5.30
N SER A 166 -2.10 5.51 6.62
CA SER A 166 -2.21 4.42 7.60
C SER A 166 -1.31 3.23 7.24
N PRO A 167 0.00 3.49 7.07
CA PRO A 167 0.92 2.40 6.71
C PRO A 167 1.01 1.35 7.80
N LEU A 168 1.31 0.11 7.39
CA LEU A 168 1.54 -0.95 8.34
C LEU A 168 2.91 -0.76 8.99
N VAL A 169 2.91 -0.22 10.23
CA VAL A 169 4.14 -0.04 11.01
C VAL A 169 4.04 -0.87 12.28
N LEU A 170 2.91 -0.80 12.98
CA LEU A 170 2.64 -1.65 14.14
C LEU A 170 1.31 -2.33 13.97
N ALA A 171 1.30 -3.64 14.27
CA ALA A 171 0.06 -4.39 14.23
C ALA A 171 -0.86 -3.95 15.40
N ASN A 172 -2.14 -4.31 15.35
CA ASN A 172 -3.07 -4.10 16.47
C ASN A 172 -2.45 -4.88 17.70
N PRO A 173 -2.15 -4.18 18.79
CA PRO A 173 -1.43 -4.83 19.90
C PRO A 173 -2.18 -5.99 20.53
N GLU A 174 -3.51 -5.97 20.47
CA GLU A 174 -4.29 -7.08 21.01
C GLU A 174 -4.16 -8.35 20.14
N SER A 175 -3.89 -8.18 18.85
CA SER A 175 -3.73 -9.29 17.93
C SER A 175 -2.32 -9.87 18.02
N ALA A 176 -1.31 -9.00 18.14
CA ALA A 176 0.10 -9.39 18.10
C ALA A 176 0.79 -9.53 19.45
N THR A 177 0.18 -10.27 20.39
CA THR A 177 0.83 -10.56 21.66
C THR A 177 1.91 -11.63 21.44
N THR A 178 2.91 -11.71 22.34
CA THR A 178 3.96 -12.74 22.24
C THR A 178 3.36 -14.14 22.19
N PHE A 179 2.37 -14.40 23.06
CA PHE A 179 1.71 -15.70 23.12
C PHE A 179 1.06 -16.05 21.78
N LYS A 180 0.32 -15.11 21.19
CA LYS A 180 -0.36 -15.38 19.93
C LYS A 180 0.57 -15.44 18.74
N VAL A 181 1.67 -14.65 18.74
CA VAL A 181 2.64 -14.72 17.65
C VAL A 181 3.36 -16.06 17.71
N LEU A 182 3.79 -16.51 18.90
CA LEU A 182 4.45 -17.83 19.01
C LEU A 182 3.49 -18.94 18.58
N ALA A 183 2.21 -18.85 18.97
CA ALA A 183 1.23 -19.87 18.57
C ALA A 183 1.02 -19.89 17.07
N ALA A 184 1.05 -18.69 16.42
CA ALA A 184 0.90 -18.63 14.99
C ALA A 184 2.14 -19.20 14.30
N LYS A 185 3.34 -18.96 14.85
CA LYS A 185 4.56 -19.54 14.25
C LYS A 185 4.54 -21.08 14.36
N VAL A 186 3.99 -21.61 15.46
CA VAL A 186 3.83 -23.06 15.60
C VAL A 186 2.84 -23.58 14.55
N LEU A 187 1.68 -22.91 14.46
CA LEU A 187 0.65 -23.32 13.50
CA LEU A 187 0.65 -23.31 13.50
C LEU A 187 1.18 -23.25 12.07
N ASN A 188 1.95 -22.20 11.74
CA ASN A 188 2.51 -22.02 10.40
C ASN A 188 3.44 -23.16 10.03
N SER A 189 4.16 -23.71 11.02
CA SER A 189 5.05 -24.84 10.76
C SER A 189 4.29 -26.13 10.41
N VAL A 190 2.99 -26.21 10.70
CA VAL A 190 2.20 -27.42 10.45
C VAL A 190 1.15 -27.25 9.36
N LEU A 191 0.33 -26.18 9.49
CA LEU A 191 -0.79 -25.90 8.59
C LEU A 191 -0.67 -24.46 8.09
N PRO A 192 0.33 -24.17 7.23
CA PRO A 192 0.50 -22.77 6.77
C PRO A 192 -0.71 -22.18 6.05
N ASN A 193 -1.56 -23.04 5.46
CA ASN A 193 -2.72 -22.54 4.72
C ASN A 193 -3.98 -22.42 5.57
N LEU A 194 -3.92 -22.72 6.89
CA LEU A 194 -5.09 -22.55 7.76
C LEU A 194 -5.45 -21.09 7.85
N SER A 195 -6.74 -20.77 7.77
CA SER A 195 -7.14 -19.39 7.82
C SER A 195 -7.90 -19.02 9.05
N SER A 196 -7.73 -17.77 9.47
CA SER A 196 -8.49 -17.23 10.58
C SER A 196 -9.82 -16.74 9.95
N GLY A 197 -10.65 -16.05 10.73
CA GLY A 197 -11.84 -15.43 10.19
C GLY A 197 -11.43 -14.26 9.32
N PRO A 198 -12.37 -13.71 8.56
CA PRO A 198 -12.03 -12.55 7.73
C PRO A 198 -11.76 -11.31 8.60
N ILE A 199 -11.10 -10.30 8.02
CA ILE A 199 -10.94 -9.00 8.70
C ILE A 199 -12.38 -8.40 8.80
N ASP A 200 -12.70 -7.75 9.90
CA ASP A 200 -14.03 -7.18 10.09
C ASP A 200 -14.10 -5.93 9.20
N SER A 201 -14.82 -6.00 8.04
CA SER A 201 -14.81 -4.84 7.14
CA SER A 201 -14.95 -4.87 7.11
C SER A 201 -15.45 -3.59 7.74
N SER A 202 -16.30 -3.71 8.76
CA SER A 202 -16.89 -2.53 9.38
C SER A 202 -15.86 -1.66 10.10
N VAL A 203 -14.66 -2.19 10.40
CA VAL A 203 -13.62 -1.36 11.01
C VAL A 203 -12.75 -0.65 9.97
N LEU A 204 -13.00 -0.88 8.67
CA LEU A 204 -12.22 -0.23 7.64
C LEU A 204 -12.53 1.23 7.55
N SER A 205 -13.81 1.59 7.71
CA SER A 205 -14.23 2.97 7.53
C SER A 205 -15.52 3.20 8.25
N ARG A 206 -15.69 4.41 8.81
CA ARG A 206 -16.99 4.77 9.39
C ARG A 206 -18.05 5.01 8.29
N ASN A 207 -17.61 5.17 7.02
CA ASN A 207 -18.50 5.43 5.93
C ASN A 207 -19.09 4.08 5.49
N LYS A 208 -20.34 3.81 5.87
CA LYS A 208 -20.97 2.54 5.55
C LYS A 208 -21.18 2.28 4.07
N THR A 209 -21.32 3.35 3.25
CA THR A 209 -21.40 3.15 1.79
C THR A 209 -20.06 2.57 1.29
N GLU A 210 -18.94 3.07 1.83
CA GLU A 210 -17.64 2.55 1.44
C GLU A 210 -17.43 1.13 1.93
N VAL A 211 -17.97 0.77 3.11
CA VAL A 211 -17.92 -0.63 3.57
C VAL A 211 -18.70 -1.52 2.58
N ASP A 212 -19.90 -1.06 2.18
CA ASP A 212 -20.72 -1.83 1.22
C ASP A 212 -20.01 -2.00 -0.12
N ILE A 213 -19.31 -0.94 -0.60
CA ILE A 213 -18.56 -1.03 -1.86
C ILE A 213 -17.45 -2.03 -1.72
N TYR A 214 -16.72 -1.98 -0.60
CA TYR A 214 -15.63 -2.94 -0.36
C TYR A 214 -16.16 -4.38 -0.36
N ASN A 215 -17.28 -4.58 0.33
CA ASN A 215 -17.86 -5.92 0.46
C ASN A 215 -18.41 -6.50 -0.80
N SER A 216 -18.58 -5.70 -1.84
CA SER A 216 -19.12 -6.20 -3.09
CA SER A 216 -19.12 -6.20 -3.09
C SER A 216 -18.19 -6.05 -4.29
N ASP A 217 -16.93 -5.65 -4.04
CA ASP A 217 -15.96 -5.53 -5.12
C ASP A 217 -15.40 -6.92 -5.38
N PRO A 218 -15.58 -7.46 -6.60
CA PRO A 218 -15.11 -8.82 -6.87
C PRO A 218 -13.60 -8.99 -6.89
N LEU A 219 -12.85 -7.88 -6.95
CA LEU A 219 -11.39 -7.93 -6.97
C LEU A 219 -10.77 -7.86 -5.58
N ILE A 220 -11.60 -7.70 -4.52
CA ILE A 220 -11.09 -7.70 -3.14
C ILE A 220 -11.17 -9.10 -2.59
N CYS A 221 -10.16 -9.50 -1.82
CA CYS A 221 -10.18 -10.81 -1.19
C CYS A 221 -10.70 -10.66 0.21
N ARG A 222 -11.85 -11.28 0.48
CA ARG A 222 -12.42 -11.27 1.82
C ARG A 222 -12.35 -12.62 2.51
N ALA A 223 -11.52 -13.54 2.00
CA ALA A 223 -11.32 -14.82 2.66
C ALA A 223 -10.49 -14.54 3.92
N GLY A 224 -10.54 -15.47 4.88
CA GLY A 224 -9.78 -15.33 6.10
C GLY A 224 -8.28 -15.26 5.82
N LEU A 225 -7.57 -14.53 6.64
CA LEU A 225 -6.12 -14.37 6.55
C LEU A 225 -5.47 -15.74 6.83
N LYS A 226 -4.66 -16.24 5.88
CA LYS A 226 -3.97 -17.51 6.07
C LYS A 226 -2.80 -17.27 7.01
N VAL A 227 -2.52 -18.26 7.87
CA VAL A 227 -1.42 -18.19 8.83
CA VAL A 227 -1.44 -18.07 8.85
C VAL A 227 -0.10 -17.76 8.17
N CYS A 228 0.21 -18.37 7.03
CA CYS A 228 1.47 -18.08 6.34
C CYS A 228 1.56 -16.62 5.92
N PHE A 229 0.45 -16.02 5.51
CA PHE A 229 0.45 -14.61 5.10
C PHE A 229 0.49 -13.71 6.32
N GLY A 230 -0.17 -14.10 7.41
CA GLY A 230 -0.09 -13.39 8.68
C GLY A 230 1.35 -13.32 9.17
N ILE A 231 2.11 -14.42 8.98
CA ILE A 231 3.52 -14.42 9.35
C ILE A 231 4.31 -13.45 8.43
N GLN A 232 3.98 -13.38 7.14
CA GLN A 232 4.66 -12.42 6.25
C GLN A 232 4.36 -10.98 6.66
N LEU A 233 3.15 -10.71 7.15
CA LEU A 233 2.80 -9.36 7.62
C LEU A 233 3.54 -9.03 8.92
N LEU A 234 3.78 -10.03 9.78
CA LEU A 234 4.61 -9.84 10.97
C LEU A 234 6.06 -9.59 10.53
N ASN A 235 6.53 -10.26 9.45
CA ASN A 235 7.85 -10.00 8.90
C ASN A 235 7.94 -8.59 8.38
N ALA A 236 6.89 -8.09 7.74
CA ALA A 236 6.88 -6.70 7.26
C ALA A 236 7.04 -5.73 8.45
N VAL A 237 6.30 -5.95 9.54
CA VAL A 237 6.42 -5.10 10.73
C VAL A 237 7.84 -5.09 11.27
N SER A 238 8.44 -6.29 11.40
CA SER A 238 9.81 -6.40 11.91
CA SER A 238 9.81 -6.41 11.92
C SER A 238 10.80 -5.70 10.99
N ARG A 239 10.66 -5.89 9.69
CA ARG A 239 11.55 -5.29 8.72
C ARG A 239 11.40 -3.78 8.68
N VAL A 240 10.16 -3.27 8.80
CA VAL A 240 9.92 -1.83 8.84
C VAL A 240 10.63 -1.21 10.03
N GLU A 241 10.53 -1.84 11.22
CA GLU A 241 11.22 -1.31 12.40
C GLU A 241 12.73 -1.17 12.17
N ARG A 242 13.36 -2.18 11.57
CA ARG A 242 14.79 -2.12 11.30
C ARG A 242 15.15 -1.11 10.21
N ALA A 243 14.23 -0.85 9.29
CA ALA A 243 14.41 0.10 8.20
C ALA A 243 14.27 1.57 8.62
N LEU A 244 13.51 1.87 9.68
CA LEU A 244 13.26 3.27 10.05
C LEU A 244 14.53 4.14 10.20
N PRO A 245 15.64 3.67 10.82
CA PRO A 245 16.86 4.51 10.85
C PRO A 245 17.57 4.69 9.50
N LYS A 246 17.16 3.93 8.48
CA LYS A 246 17.70 4.08 7.12
C LYS A 246 16.82 5.00 6.26
N LEU A 247 15.64 5.38 6.74
CA LEU A 247 14.69 6.13 5.98
C LEU A 247 14.99 7.60 6.08
N THR A 248 15.37 8.18 4.96
CA THR A 248 15.67 9.60 4.87
C THR A 248 14.72 10.34 3.92
N VAL A 249 13.87 9.61 3.17
CA VAL A 249 13.00 10.20 2.19
C VAL A 249 11.98 11.14 2.83
N PRO A 250 11.67 12.26 2.17
CA PRO A 250 10.58 13.10 2.67
C PRO A 250 9.26 12.34 2.70
N PHE A 251 8.44 12.54 3.73
CA PHE A 251 7.15 11.88 3.75
C PHE A 251 6.08 12.65 4.44
N LEU A 252 4.85 12.39 3.96
CA LEU A 252 3.59 12.82 4.54
C LEU A 252 2.93 11.56 5.11
N LEU A 253 2.52 11.59 6.36
CA LEU A 253 1.94 10.47 7.06
C LEU A 253 0.58 10.85 7.57
N LEU A 254 -0.46 10.11 7.13
CA LEU A 254 -1.83 10.35 7.53
C LEU A 254 -2.32 9.15 8.32
N GLN A 255 -2.90 9.37 9.50
CA GLN A 255 -3.30 8.26 10.36
C GLN A 255 -4.57 8.56 11.12
N GLY A 256 -5.49 7.61 11.16
CA GLY A 256 -6.70 7.71 11.96
C GLY A 256 -6.41 7.28 13.38
N SER A 257 -7.06 7.95 14.37
CA SER A 257 -6.79 7.61 15.76
C SER A 257 -7.49 6.33 16.20
N ALA A 258 -8.51 5.87 15.45
CA ALA A 258 -9.27 4.68 15.86
C ALA A 258 -9.08 3.56 14.83
N ASP A 259 -7.83 3.35 14.42
CA ASP A 259 -7.49 2.35 13.44
C ASP A 259 -7.21 1.03 14.13
N ARG A 260 -8.05 0.04 13.85
CA ARG A 260 -7.92 -1.29 14.46
C ARG A 260 -7.05 -2.25 13.64
N LEU A 261 -6.51 -1.79 12.50
CA LEU A 261 -5.74 -2.64 11.59
CA LEU A 261 -5.75 -2.64 11.59
C LEU A 261 -4.26 -2.29 11.60
N CYS A 262 -3.95 -1.00 11.48
CA CYS A 262 -2.57 -0.52 11.56
C CYS A 262 -2.60 0.44 12.73
N ASP A 263 -2.04 0.02 13.88
CA ASP A 263 -2.18 0.79 15.10
C ASP A 263 -1.61 2.18 15.00
N SER A 264 -2.33 3.18 15.51
CA SER A 264 -1.86 4.57 15.43
C SER A 264 -0.51 4.77 16.09
N LYS A 265 -0.16 3.94 17.09
CA LYS A 265 1.18 4.03 17.70
C LYS A 265 2.30 3.86 16.66
N GLY A 266 2.02 3.12 15.58
CA GLY A 266 3.00 2.94 14.53
C GLY A 266 3.29 4.23 13.80
N ALA A 267 2.29 5.09 13.62
CA ALA A 267 2.51 6.37 12.96
C ALA A 267 3.43 7.24 13.82
N TYR A 268 3.20 7.22 15.14
CA TYR A 268 4.06 7.98 16.05
C TYR A 268 5.47 7.41 16.05
N LEU A 269 5.61 6.08 15.99
CA LEU A 269 6.93 5.43 15.97
C LEU A 269 7.70 5.81 14.70
N LEU A 270 7.01 5.85 13.56
CA LEU A 270 7.63 6.24 12.30
C LEU A 270 8.12 7.70 12.38
N MET A 271 7.28 8.61 12.95
CA MET A 271 7.71 10.00 13.12
C MET A 271 8.93 10.11 14.01
N GLU A 272 9.01 9.29 15.06
CA GLU A 272 10.14 9.36 15.97
C GLU A 272 11.41 8.73 15.41
N LEU A 273 11.30 7.56 14.76
CA LEU A 273 12.49 6.82 14.37
C LEU A 273 13.01 7.07 12.97
N ALA A 274 12.18 7.57 12.04
CA ALA A 274 12.70 7.87 10.70
C ALA A 274 13.73 9.01 10.80
N LYS A 275 14.80 8.94 10.01
CA LYS A 275 15.81 10.01 10.00
C LYS A 275 15.45 11.17 9.07
N SER A 276 14.39 11.03 8.28
CA SER A 276 13.97 12.05 7.32
CA SER A 276 13.92 12.04 7.33
C SER A 276 13.93 13.46 7.89
N GLN A 277 14.53 14.38 7.18
CA GLN A 277 14.52 15.78 7.59
C GLN A 277 13.16 16.44 7.28
N ASP A 278 12.36 15.83 6.38
CA ASP A 278 11.08 16.39 5.99
C ASP A 278 9.98 15.38 6.28
N LYS A 279 9.39 15.43 7.46
CA LYS A 279 8.39 14.47 7.88
C LYS A 279 7.26 15.18 8.59
N THR A 280 6.02 14.85 8.19
CA THR A 280 4.81 15.48 8.69
C THR A 280 3.77 14.44 8.99
N LEU A 281 3.08 14.59 10.11
CA LEU A 281 2.01 13.69 10.53
C LEU A 281 0.72 14.45 10.69
N LYS A 282 -0.37 13.91 10.15
CA LYS A 282 -1.68 14.46 10.40
CA LYS A 282 -1.71 14.45 10.38
C LYS A 282 -2.52 13.33 10.98
N ILE A 283 -3.12 13.57 12.15
CA ILE A 283 -3.98 12.61 12.82
C ILE A 283 -5.42 13.00 12.58
N TYR A 284 -6.25 12.02 12.18
CA TYR A 284 -7.67 12.21 11.98
C TYR A 284 -8.40 11.58 13.16
N GLU A 285 -8.90 12.44 14.05
CA GLU A 285 -9.50 12.04 15.29
C GLU A 285 -10.79 11.26 15.09
N GLY A 286 -10.79 10.02 15.56
CA GLY A 286 -11.94 9.13 15.47
C GLY A 286 -12.00 8.33 14.17
N ALA A 287 -11.14 8.64 13.19
CA ALA A 287 -11.19 7.97 11.91
C ALA A 287 -10.66 6.56 11.99
N TYR A 288 -11.19 5.73 11.09
CA TYR A 288 -10.81 4.34 11.00
C TYR A 288 -9.61 4.17 10.04
N HIS A 289 -9.45 3.02 9.40
CA HIS A 289 -8.26 2.71 8.62
C HIS A 289 -8.16 3.35 7.25
N VAL A 290 -9.22 3.29 6.45
CA VAL A 290 -9.17 3.69 5.05
C VAL A 290 -9.48 5.14 4.92
N LEU A 291 -8.47 5.98 5.21
CA LEU A 291 -8.72 7.42 5.31
C LEU A 291 -9.20 8.07 4.05
N HIS A 292 -8.72 7.57 2.91
CA HIS A 292 -9.16 8.08 1.61
C HIS A 292 -10.55 7.58 1.18
N LYS A 293 -11.20 6.78 2.01
CA LYS A 293 -12.56 6.27 1.80
C LYS A 293 -13.33 6.33 3.12
N GLU A 294 -13.13 7.42 3.88
CA GLU A 294 -13.73 7.60 5.19
C GLU A 294 -14.96 8.50 5.06
N LEU A 295 -15.41 9.11 6.17
CA LEU A 295 -16.49 10.09 6.11
C LEU A 295 -16.03 11.24 5.22
N PRO A 296 -16.94 11.87 4.46
CA PRO A 296 -16.53 12.90 3.51
C PRO A 296 -15.61 13.97 4.04
N GLU A 297 -15.82 14.42 5.28
CA GLU A 297 -14.98 15.45 5.87
C GLU A 297 -13.51 14.99 5.96
N VAL A 298 -13.31 13.71 6.27
CA VAL A 298 -11.97 13.15 6.34
C VAL A 298 -11.41 12.93 4.95
N THR A 299 -12.18 12.26 4.06
CA THR A 299 -11.69 12.02 2.71
C THR A 299 -11.30 13.29 1.97
N ASN A 300 -12.14 14.33 2.07
CA ASN A 300 -11.85 15.59 1.38
C ASN A 300 -10.56 16.20 1.92
N SER A 301 -10.34 16.13 3.22
CA SER A 301 -9.11 16.65 3.83
C SER A 301 -7.91 15.84 3.36
N VAL A 302 -8.01 14.50 3.34
CA VAL A 302 -6.90 13.65 2.89
C VAL A 302 -6.51 14.00 1.47
N PHE A 303 -7.48 14.14 0.57
CA PHE A 303 -7.19 14.50 -0.82
C PHE A 303 -6.51 15.85 -0.89
N HIS A 304 -7.03 16.83 -0.13
CA HIS A 304 -6.46 18.18 -0.11
C HIS A 304 -5.03 18.19 0.42
N GLU A 305 -4.76 17.45 1.52
CA GLU A 305 -3.41 17.44 2.09
C GLU A 305 -2.42 16.78 1.18
N ILE A 306 -2.81 15.67 0.52
CA ILE A 306 -1.91 15.02 -0.42
C ILE A 306 -1.63 15.94 -1.60
N ASN A 307 -2.69 16.59 -2.11
CA ASN A 307 -2.54 17.54 -3.22
C ASN A 307 -1.52 18.63 -2.88
N MET A 308 -1.68 19.27 -1.71
CA MET A 308 -0.78 20.35 -1.30
CA MET A 308 -0.76 20.34 -1.35
C MET A 308 0.65 19.86 -1.12
N TRP A 309 0.81 18.71 -0.46
CA TRP A 309 2.12 18.19 -0.16
C TRP A 309 2.88 17.85 -1.43
N VAL A 310 2.22 17.15 -2.37
CA VAL A 310 2.85 16.78 -3.62
C VAL A 310 3.09 18.01 -4.49
N SER A 311 2.14 18.95 -4.52
CA SER A 311 2.31 20.19 -5.29
C SER A 311 3.53 20.99 -4.81
N GLN A 312 3.73 21.09 -3.50
CA GLN A 312 4.86 21.83 -2.94
CA GLN A 312 4.86 21.81 -2.91
C GLN A 312 6.20 21.19 -3.32
N ARG A 313 6.21 19.88 -3.54
CA ARG A 313 7.42 19.13 -3.84
C ARG A 313 7.62 18.76 -5.31
N THR A 314 6.76 19.28 -6.19
CA THR A 314 6.85 19.08 -7.63
C THR A 314 6.90 20.40 -8.41
N ALA A 315 6.78 21.55 -7.73
CA ALA A 315 6.83 22.88 -8.32
C ALA A 315 8.20 23.18 -8.92
#